data_1R53
#
_entry.id   1R53
#
_cell.length_a   57.516
_cell.length_b   74.664
_cell.length_c   155.032
_cell.angle_alpha   90.00
_cell.angle_beta   90.00
_cell.angle_gamma   90.00
#
_symmetry.space_group_name_H-M   'I 2 2 2'
#
loop_
_entity.id
_entity.type
_entity.pdbx_description
1 polymer 'Chorismate synthase'
2 water water
#
_entity_poly.entity_id   1
_entity_poly.type   'polypeptide(L)'
_entity_poly.pdbx_seq_one_letter_code
;MSTFGKLFRVTTYGESHCKSVGCIVDGVPPGMSLTEADIQPQLTRRRPGQSKLSTPRDEKDRVEIQSGTEFGKTLGTPIA
MMIKNEDQRPHDYSDMDKFPRPSHADFTYSEKYGIKASSGGGRASARETIGRVASGAIAEKFLAQNSNVEIVAFVTQIGE
IKMNRDSFDPEFQHLLNTITREKVDSMGPIRCPDASVAGLMVKEIEKYRGNKDSIGGVVTCVVRNLPTGLGEPCFDKLEA
MLAHAMLSIPASKGFEIGSGFQGVSVPGSKHNDPFYFEKETNRLRTKTNNSGGVQGGISNGENIYFSVPFKSVATISQEQ
KTATYDGEEGILAAKGRHDPAVTPRAIPIVEAMTALVLADALLIQKARDFSRSVVHHHHHHH
;
_entity_poly.pdbx_strand_id   A
#
# COMPACT_ATOMS: atom_id res chain seq x y z
N MET A 1 -0.17 12.37 -15.64
CA MET A 1 1.17 12.06 -16.21
C MET A 1 1.93 11.19 -15.19
N SER A 2 3.24 11.29 -15.18
CA SER A 2 4.09 10.43 -14.37
C SER A 2 4.68 11.12 -13.14
N THR A 3 4.05 12.21 -12.73
CA THR A 3 4.26 12.78 -11.39
C THR A 3 3.08 12.51 -10.44
N PHE A 4 3.41 12.15 -9.20
CA PHE A 4 2.45 11.81 -8.17
C PHE A 4 2.77 12.62 -6.93
N GLY A 5 1.76 13.20 -6.32
CA GLY A 5 1.94 14.00 -5.12
C GLY A 5 1.98 15.49 -5.31
N LYS A 6 1.76 16.19 -4.20
CA LYS A 6 1.73 17.65 -4.17
C LYS A 6 2.98 18.23 -3.51
N LEU A 7 3.28 17.82 -2.28
CA LEU A 7 4.45 18.28 -1.52
C LEU A 7 5.50 17.17 -1.41
N PHE A 8 5.07 15.92 -1.27
CA PHE A 8 5.98 14.77 -1.38
C PHE A 8 5.73 14.17 -2.76
N ARG A 9 6.64 14.42 -3.69
CA ARG A 9 6.43 14.23 -5.11
C ARG A 9 7.36 13.17 -5.64
N VAL A 10 6.86 12.29 -6.51
CA VAL A 10 7.73 11.42 -7.29
C VAL A 10 7.38 11.51 -8.76
N THR A 11 8.42 11.66 -9.59
CA THR A 11 8.29 11.60 -11.02
C THR A 11 9.05 10.36 -11.46
N THR A 12 8.40 9.48 -12.22
CA THR A 12 9.02 8.21 -12.62
C THR A 12 9.33 8.20 -14.10
N TYR A 13 10.12 7.21 -14.50
CA TYR A 13 10.50 6.98 -15.91
C TYR A 13 10.87 5.49 -16.13
N GLY A 14 10.80 5.02 -17.38
CA GLY A 14 11.21 3.67 -17.72
C GLY A 14 10.17 2.83 -18.42
N GLU A 15 10.55 2.26 -19.57
CA GLU A 15 9.79 1.24 -20.34
C GLU A 15 10.52 -0.13 -20.22
N SER A 16 9.96 -1.17 -20.84
CA SER A 16 10.59 -2.52 -20.79
C SER A 16 12.03 -2.53 -21.34
N HIS A 17 12.20 -1.96 -22.54
CA HIS A 17 13.43 -2.13 -23.32
C HIS A 17 14.28 -0.85 -23.45
N CYS A 18 14.55 -0.17 -22.33
CA CYS A 18 15.32 1.08 -22.34
C CYS A 18 16.56 1.02 -21.43
N LYS A 19 17.40 2.04 -21.52
CA LYS A 19 18.68 2.02 -20.80
C LYS A 19 18.59 1.93 -19.27
N SER A 20 17.58 2.59 -18.69
CA SER A 20 17.33 2.49 -17.24
C SER A 20 15.92 2.89 -16.88
N VAL A 21 15.53 2.60 -15.64
CA VAL A 21 14.31 3.06 -15.08
C VAL A 21 14.60 3.69 -13.71
N GLY A 22 13.75 4.60 -13.29
CA GLY A 22 14.01 5.30 -12.05
C GLY A 22 12.96 6.32 -11.73
N CYS A 23 13.35 7.27 -10.89
CA CYS A 23 12.48 8.32 -10.44
C CYS A 23 13.23 9.45 -9.81
N ILE A 24 12.53 10.57 -9.64
CA ILE A 24 13.04 11.71 -8.90
C ILE A 24 12.05 11.99 -7.79
N VAL A 25 12.52 12.00 -6.56
CA VAL A 25 11.68 12.27 -5.39
C VAL A 25 12.01 13.67 -4.88
N ASP A 26 10.99 14.50 -4.76
CA ASP A 26 11.14 15.91 -4.45
C ASP A 26 10.27 16.18 -3.23
N GLY A 27 10.80 16.98 -2.30
CA GLY A 27 10.08 17.37 -1.10
C GLY A 27 10.45 16.55 0.10
N VAL A 28 11.41 15.66 -0.01
CA VAL A 28 11.92 15.01 1.21
C VAL A 28 12.67 16.03 2.10
N PRO A 29 12.33 16.14 3.38
CA PRO A 29 13.07 16.99 4.31
C PRO A 29 14.56 16.71 4.42
N PRO A 30 15.37 17.75 4.63
CA PRO A 30 16.80 17.53 4.87
C PRO A 30 17.07 16.84 6.20
N GLY A 31 18.21 16.17 6.29
CA GLY A 31 18.70 15.64 7.56
C GLY A 31 18.32 14.21 7.88
N MET A 32 17.73 13.48 6.93
CA MET A 32 17.27 12.14 7.24
C MET A 32 18.30 11.17 6.66
N SER A 33 18.61 10.15 7.43
CA SER A 33 19.50 9.09 6.99
C SER A 33 18.86 8.33 5.86
N LEU A 34 19.61 8.14 4.78
CA LEU A 34 19.11 7.43 3.62
C LEU A 34 20.26 6.97 2.78
N THR A 35 20.33 5.66 2.55
CA THR A 35 21.24 5.09 1.55
C THR A 35 20.48 4.00 0.84
N GLU A 36 21.16 3.34 -0.09
CA GLU A 36 20.55 2.30 -0.91
C GLU A 36 19.97 1.14 -0.11
N ALA A 37 20.50 0.93 1.09
CA ALA A 37 20.10 -0.16 1.94
C ALA A 37 18.71 0.04 2.52
N ASP A 38 18.27 1.30 2.63
CA ASP A 38 16.89 1.62 3.04
C ASP A 38 15.88 1.34 1.95
N ILE A 39 16.35 1.10 0.73
CA ILE A 39 15.50 0.96 -0.44
C ILE A 39 15.44 -0.46 -0.98
N GLN A 40 16.54 -1.21 -0.85
CA GLN A 40 16.58 -2.59 -1.39
C GLN A 40 15.58 -3.60 -0.81
N PRO A 41 15.35 -3.62 0.49
CA PRO A 41 14.42 -4.62 1.07
C PRO A 41 13.07 -4.71 0.34
N GLN A 42 12.43 -3.57 0.09
CA GLN A 42 11.11 -3.57 -0.53
CA GLN A 42 11.12 -3.53 -0.52
C GLN A 42 11.20 -3.95 -2.00
N LEU A 43 12.31 -3.61 -2.66
CA LEU A 43 12.53 -3.99 -4.05
C LEU A 43 12.76 -5.49 -4.22
N THR A 44 13.53 -6.09 -3.32
CA THR A 44 13.68 -7.54 -3.26
C THR A 44 12.32 -8.22 -3.09
N ARG A 45 11.46 -7.65 -2.26
CA ARG A 45 10.14 -8.21 -2.03
C ARG A 45 9.21 -8.23 -3.27
N ARG A 46 9.55 -7.51 -4.35
CA ARG A 46 8.79 -7.58 -5.62
C ARG A 46 8.80 -8.97 -6.30
N ARG A 47 9.71 -9.84 -5.86
CA ARG A 47 9.68 -11.29 -6.16
C ARG A 47 9.40 -12.05 -4.84
N PRO A 48 8.23 -12.69 -4.71
CA PRO A 48 7.84 -13.32 -3.43
C PRO A 48 8.82 -14.34 -2.81
N ASP A 61 18.51 -5.20 -11.06
CA ASP A 61 17.72 -5.15 -9.83
C ASP A 61 18.62 -4.73 -8.66
N ARG A 62 18.97 -3.44 -8.65
CA ARG A 62 20.09 -2.95 -7.83
C ARG A 62 19.71 -1.62 -7.14
N VAL A 63 19.84 -0.50 -7.85
CA VAL A 63 19.49 0.86 -7.33
C VAL A 63 20.68 1.69 -6.87
N GLU A 64 20.97 2.76 -7.61
CA GLU A 64 21.86 3.77 -7.08
C GLU A 64 21.26 5.19 -7.03
N ILE A 65 21.39 5.76 -5.85
CA ILE A 65 21.07 7.12 -5.59
C ILE A 65 22.03 8.02 -6.35
N GLN A 66 21.49 8.83 -7.26
CA GLN A 66 22.23 9.77 -8.08
C GLN A 66 22.46 11.14 -7.44
N SER A 67 21.62 11.52 -6.50
CA SER A 67 21.59 12.90 -6.00
C SER A 67 20.77 12.99 -4.75
N GLY A 68 20.82 14.14 -4.12
CA GLY A 68 19.96 14.48 -3.01
C GLY A 68 20.43 14.08 -1.63
N THR A 69 21.50 13.30 -1.56
CA THR A 69 22.12 12.93 -0.28
C THR A 69 23.61 13.33 -0.24
N GLU A 70 24.14 13.40 0.98
CA GLU A 70 25.57 13.64 1.23
C GLU A 70 25.90 13.04 2.58
N PHE A 71 26.94 12.21 2.64
CA PHE A 71 27.39 11.57 3.88
C PHE A 71 26.24 10.92 4.58
N GLY A 72 25.46 10.19 3.78
CA GLY A 72 24.39 9.31 4.26
C GLY A 72 23.09 9.97 4.67
N LYS A 73 22.96 11.27 4.41
CA LYS A 73 21.81 12.06 4.86
C LYS A 73 21.22 12.83 3.68
N THR A 74 19.93 13.19 3.77
CA THR A 74 19.26 13.91 2.69
C THR A 74 19.57 15.41 2.80
N LEU A 75 19.69 16.06 1.66
CA LEU A 75 20.03 17.48 1.54
C LEU A 75 18.80 18.38 1.43
N GLY A 76 17.64 17.79 1.16
CA GLY A 76 16.44 18.54 0.88
C GLY A 76 16.33 18.92 -0.57
N THR A 77 17.14 18.31 -1.40
CA THR A 77 17.04 18.57 -2.82
C THR A 77 16.49 17.30 -3.46
N PRO A 78 16.21 17.36 -4.77
CA PRO A 78 15.70 16.16 -5.46
C PRO A 78 16.63 14.94 -5.40
N ILE A 79 16.03 13.80 -5.01
CA ILE A 79 16.71 12.50 -4.93
C ILE A 79 16.35 11.67 -6.14
N ALA A 80 17.27 11.60 -7.09
CA ALA A 80 17.15 10.73 -8.24
C ALA A 80 17.73 9.33 -7.91
N MET A 81 16.96 8.30 -8.26
CA MET A 81 17.35 6.91 -8.12
C MET A 81 17.21 6.25 -9.48
N MET A 82 18.15 5.39 -9.80
CA MET A 82 18.13 4.70 -11.09
C MET A 82 18.51 3.22 -10.92
N ILE A 83 17.91 2.38 -11.75
CA ILE A 83 18.21 0.94 -11.86
C ILE A 83 18.44 0.62 -13.35
N LYS A 84 19.63 0.13 -13.68
CA LYS A 84 19.98 -0.17 -15.09
C LYS A 84 19.17 -1.37 -15.64
N ASN A 85 18.86 -1.32 -16.94
CA ASN A 85 17.84 -2.20 -17.56
C ASN A 85 16.50 -2.24 -16.78
N ARG A 127 5.49 0.12 -19.35
CA ARG A 127 6.04 0.86 -18.21
C ARG A 127 6.51 -0.08 -17.08
N GLU A 128 7.16 0.49 -16.06
CA GLU A 128 7.73 -0.26 -14.93
C GLU A 128 7.47 0.43 -13.59
N THR A 129 7.29 -0.37 -12.55
CA THR A 129 6.83 0.10 -11.25
C THR A 129 7.92 0.20 -10.16
N ILE A 130 9.16 0.00 -10.56
CA ILE A 130 10.30 0.06 -9.66
C ILE A 130 10.46 1.41 -9.04
N GLY A 131 10.35 2.47 -9.83
CA GLY A 131 10.38 3.83 -9.31
C GLY A 131 9.33 4.09 -8.22
N ARG A 132 8.11 3.59 -8.40
CA ARG A 132 7.13 3.66 -7.35
C ARG A 132 7.62 3.01 -6.07
N VAL A 133 8.16 1.82 -6.16
CA VAL A 133 8.56 1.07 -4.95
C VAL A 133 9.73 1.73 -4.28
N ALA A 134 10.72 2.11 -5.08
CA ALA A 134 11.88 2.85 -4.61
C ALA A 134 11.50 4.12 -3.86
N SER A 135 10.65 4.95 -4.46
CA SER A 135 10.22 6.21 -3.84
C SER A 135 9.39 5.95 -2.62
N GLY A 136 8.60 4.88 -2.65
CA GLY A 136 7.76 4.53 -1.48
C GLY A 136 8.59 4.11 -0.25
N ALA A 137 9.74 3.52 -0.50
CA ALA A 137 10.69 3.15 0.59
C ALA A 137 11.20 4.41 1.32
N ILE A 138 11.37 5.51 0.60
CA ILE A 138 11.72 6.78 1.23
C ILE A 138 10.57 7.32 2.03
N ALA A 139 9.39 7.40 1.41
CA ALA A 139 8.15 7.78 2.13
C ALA A 139 7.95 6.98 3.40
N GLU A 140 8.16 5.69 3.30
CA GLU A 140 7.96 4.80 4.46
C GLU A 140 8.89 5.12 5.63
N LYS A 141 10.16 5.33 5.31
CA LYS A 141 11.10 5.74 6.34
C LYS A 141 10.73 7.09 6.93
N PHE A 142 10.39 8.07 6.10
CA PHE A 142 9.96 9.37 6.60
C PHE A 142 8.80 9.20 7.55
N LEU A 143 7.82 8.35 7.21
CA LEU A 143 6.67 8.11 8.11
C LEU A 143 7.01 7.34 9.39
N ALA A 144 7.93 6.38 9.29
CA ALA A 144 8.32 5.58 10.47
C ALA A 144 8.94 6.51 11.52
N GLN A 145 9.88 7.34 11.10
CA GLN A 145 10.53 8.28 11.99
C GLN A 145 9.59 9.31 12.60
N ASN A 146 8.86 10.01 11.73
CA ASN A 146 8.06 11.15 12.15
C ASN A 146 6.66 10.76 12.60
N SER A 147 6.48 9.47 12.99
CA SER A 147 5.16 8.93 13.39
C SER A 147 5.02 7.46 13.95
N ASN A 148 5.95 6.56 13.71
CA ASN A 148 5.64 5.11 13.92
C ASN A 148 4.38 4.54 13.19
N VAL A 149 4.06 5.14 12.06
CA VAL A 149 3.07 4.57 11.15
C VAL A 149 3.54 3.16 10.71
N GLU A 150 2.64 2.17 10.69
CA GLU A 150 2.93 0.87 10.09
C GLU A 150 1.95 0.57 8.94
N ILE A 151 2.49 0.21 7.80
CA ILE A 151 1.76 -0.11 6.60
C ILE A 151 2.03 -1.59 6.30
N VAL A 152 1.00 -2.41 6.23
CA VAL A 152 1.12 -3.85 5.94
C VAL A 152 0.08 -4.29 4.94
N ALA A 153 0.53 -4.76 3.78
CA ALA A 153 -0.40 -5.34 2.80
C ALA A 153 -0.28 -6.84 2.74
N PHE A 154 -1.36 -7.49 2.31
CA PHE A 154 -1.43 -8.95 2.24
C PHE A 154 -2.55 -9.45 1.30
N VAL A 155 -2.40 -10.67 0.80
CA VAL A 155 -3.39 -11.31 -0.06
C VAL A 155 -4.59 -11.79 0.74
N THR A 156 -5.79 -11.43 0.29
CA THR A 156 -7.03 -11.89 0.88
C THR A 156 -7.96 -12.66 -0.07
N GLN A 157 -7.55 -12.80 -1.33
CA GLN A 157 -8.29 -13.54 -2.30
C GLN A 157 -7.38 -13.93 -3.46
N ILE A 158 -7.46 -15.19 -3.85
CA ILE A 158 -6.91 -15.67 -5.15
C ILE A 158 -8.01 -16.47 -5.85
N GLY A 159 -8.47 -16.00 -7.01
CA GLY A 159 -9.52 -16.68 -7.76
C GLY A 159 -10.75 -16.75 -6.89
N GLU A 160 -11.32 -17.93 -6.81
CA GLU A 160 -12.52 -18.14 -6.01
C GLU A 160 -12.26 -18.26 -4.52
N ILE A 161 -11.00 -18.31 -4.08
CA ILE A 161 -10.74 -18.54 -2.65
C ILE A 161 -10.59 -17.19 -1.90
N LYS A 162 -11.49 -16.95 -0.95
CA LYS A 162 -11.56 -15.73 -0.15
C LYS A 162 -11.27 -15.97 1.30
N MET A 163 -10.29 -15.25 1.84
CA MET A 163 -10.19 -15.04 3.28
C MET A 163 -11.40 -14.21 3.71
N ASN A 164 -11.99 -14.56 4.86
CA ASN A 164 -13.00 -13.73 5.47
CA ASN A 164 -12.99 -13.71 5.55
C ASN A 164 -12.35 -12.36 5.86
N ARG A 165 -12.95 -11.28 5.38
CA ARG A 165 -12.47 -9.93 5.74
C ARG A 165 -13.65 -8.98 6.02
N ASP A 166 -14.59 -9.50 6.75
CA ASP A 166 -15.77 -8.81 7.17
C ASP A 166 -15.36 -7.84 8.25
N SER A 167 -15.70 -6.57 8.05
CA SER A 167 -15.32 -5.49 8.95
C SER A 167 -15.93 -5.64 10.35
N PHE A 168 -17.10 -6.30 10.44
CA PHE A 168 -17.77 -6.59 11.72
C PHE A 168 -17.24 -7.81 12.44
N ASP A 169 -16.27 -8.51 11.87
CA ASP A 169 -15.78 -9.73 12.46
C ASP A 169 -14.56 -9.43 13.35
N PRO A 170 -14.72 -9.54 14.68
CA PRO A 170 -13.60 -9.36 15.63
C PRO A 170 -12.25 -10.03 15.28
N GLU A 171 -12.25 -11.20 14.67
CA GLU A 171 -11.03 -11.86 14.22
C GLU A 171 -10.27 -11.13 13.10
N PHE A 172 -11.04 -10.67 12.11
CA PHE A 172 -10.50 -9.82 11.06
C PHE A 172 -9.93 -8.56 11.68
N GLN A 173 -10.67 -7.92 12.59
CA GLN A 173 -10.18 -6.72 13.29
C GLN A 173 -8.91 -6.96 14.10
N HIS A 174 -8.86 -8.12 14.75
CA HIS A 174 -7.68 -8.49 15.52
C HIS A 174 -6.48 -8.71 14.60
N LEU A 175 -6.74 -9.26 13.40
CA LEU A 175 -5.67 -9.45 12.41
C LEU A 175 -5.15 -8.10 11.87
N LEU A 176 -6.06 -7.19 11.54
CA LEU A 176 -5.67 -5.81 11.20
C LEU A 176 -4.82 -5.13 12.27
N ASN A 177 -5.16 -5.40 13.52
CA ASN A 177 -4.40 -4.83 14.62
C ASN A 177 -3.02 -5.40 14.80
N THR A 178 -2.79 -6.65 14.38
CA THR A 178 -1.51 -7.30 14.75
C THR A 178 -0.61 -7.70 13.57
N ILE A 179 -1.17 -7.80 12.37
CA ILE A 179 -0.41 -8.34 11.24
C ILE A 179 0.86 -7.51 10.98
N THR A 180 1.95 -8.16 10.59
CA THR A 180 3.19 -7.47 10.26
C THR A 180 3.70 -8.01 8.95
N ARG A 181 4.59 -7.28 8.32
CA ARG A 181 5.24 -7.79 7.10
C ARG A 181 5.93 -9.12 7.30
N GLU A 182 6.68 -9.23 8.39
CA GLU A 182 7.38 -10.47 8.70
C GLU A 182 6.40 -11.58 8.80
N LYS A 183 5.26 -11.37 9.45
CA LYS A 183 4.25 -12.43 9.47
C LYS A 183 3.66 -12.76 8.11
N VAL A 184 3.39 -11.70 7.32
CA VAL A 184 2.90 -11.90 5.96
C VAL A 184 3.86 -12.76 5.13
N ASP A 185 5.13 -12.44 5.17
CA ASP A 185 6.16 -13.21 4.43
C ASP A 185 6.44 -14.64 4.96
N SER A 186 6.17 -14.89 6.24
CA SER A 186 6.35 -16.21 6.88
C SER A 186 5.45 -17.24 6.26
N MET A 187 4.34 -16.78 5.67
CA MET A 187 3.36 -17.68 5.01
C MET A 187 3.85 -18.34 3.68
N GLY A 188 4.99 -17.92 3.16
CA GLY A 188 5.40 -18.27 1.81
C GLY A 188 5.05 -17.15 0.81
N PRO A 189 5.42 -17.33 -0.45
CA PRO A 189 5.08 -16.37 -1.51
C PRO A 189 3.60 -16.00 -1.63
N ILE A 190 2.68 -16.84 -1.16
CA ILE A 190 1.25 -16.56 -1.26
C ILE A 190 0.85 -15.32 -0.41
N ARG A 191 1.57 -15.11 0.68
CA ARG A 191 1.44 -13.92 1.51
C ARG A 191 0.01 -13.65 1.97
N CYS A 192 -0.68 -14.72 2.35
CA CYS A 192 -2.00 -14.64 2.95
C CYS A 192 -1.90 -15.20 4.36
N PRO A 193 -2.09 -14.39 5.39
CA PRO A 193 -1.91 -14.86 6.78
C PRO A 193 -3.16 -15.54 7.35
N ASP A 194 -3.77 -16.42 6.59
CA ASP A 194 -4.88 -17.16 7.10
C ASP A 194 -4.64 -18.57 6.57
N ALA A 195 -4.23 -19.47 7.46
CA ALA A 195 -3.87 -20.83 7.07
C ALA A 195 -5.08 -21.67 6.71
N SER A 196 -6.26 -21.26 7.10
CA SER A 196 -7.46 -21.95 6.62
C SER A 196 -7.69 -21.78 5.11
N VAL A 197 -7.07 -20.77 4.49
CA VAL A 197 -7.25 -20.56 3.06
C VAL A 197 -5.99 -20.41 2.26
N ALA A 198 -4.84 -20.20 2.92
CA ALA A 198 -3.59 -19.92 2.19
C ALA A 198 -3.25 -21.08 1.24
N GLY A 199 -3.34 -22.31 1.73
CA GLY A 199 -2.99 -23.47 0.95
C GLY A 199 -4.01 -23.73 -0.13
N LEU A 200 -5.28 -23.45 0.14
CA LEU A 200 -6.28 -23.49 -0.94
C LEU A 200 -5.98 -22.43 -2.04
N MET A 201 -5.44 -21.26 -1.68
CA MET A 201 -5.06 -20.26 -2.67
C MET A 201 -3.92 -20.77 -3.53
N VAL A 202 -2.92 -21.42 -2.92
CA VAL A 202 -1.78 -21.95 -3.66
C VAL A 202 -2.22 -23.01 -4.67
N LYS A 203 -3.14 -23.85 -4.24
CA LYS A 203 -3.73 -24.85 -5.07
C LYS A 203 -4.54 -24.25 -6.24
N GLU A 204 -5.25 -23.15 -5.98
CA GLU A 204 -5.95 -22.43 -7.04
C GLU A 204 -4.92 -21.96 -8.07
N ILE A 205 -3.82 -21.39 -7.57
CA ILE A 205 -2.80 -20.93 -8.49
C ILE A 205 -2.25 -22.07 -9.31
N GLU A 206 -2.14 -23.25 -8.72
CA GLU A 206 -1.58 -24.39 -9.43
C GLU A 206 -2.58 -25.01 -10.40
N LYS A 207 -3.85 -25.07 -10.05
CA LYS A 207 -4.88 -25.37 -11.02
C LYS A 207 -4.73 -24.52 -12.29
N TYR A 208 -4.66 -23.20 -12.17
CA TYR A 208 -4.59 -22.35 -13.35
C TYR A 208 -3.25 -22.38 -14.07
N ARG A 209 -2.18 -22.62 -13.33
CA ARG A 209 -0.86 -22.74 -13.94
C ARG A 209 -0.80 -24.01 -14.82
N GLY A 210 -1.49 -25.06 -14.38
CA GLY A 210 -1.55 -26.32 -15.08
C GLY A 210 -2.26 -26.15 -16.40
N ASN A 211 -3.32 -25.33 -16.38
CA ASN A 211 -4.11 -24.98 -17.58
C ASN A 211 -3.50 -23.90 -18.47
N LYS A 212 -2.27 -23.49 -18.20
CA LYS A 212 -1.60 -22.38 -18.91
C LYS A 212 -2.48 -21.12 -18.94
N ASP A 213 -3.17 -20.93 -17.81
CA ASP A 213 -4.10 -19.85 -17.56
C ASP A 213 -3.59 -19.00 -16.38
N SER A 214 -4.31 -17.92 -16.08
CA SER A 214 -4.02 -17.12 -14.89
C SER A 214 -5.30 -16.71 -14.21
N ILE A 215 -5.16 -16.22 -12.98
CA ILE A 215 -6.30 -15.69 -12.24
C ILE A 215 -5.89 -14.59 -11.26
N GLY A 216 -6.82 -13.70 -11.01
CA GLY A 216 -6.55 -12.51 -10.21
C GLY A 216 -6.66 -12.76 -8.71
N GLY A 217 -6.71 -11.66 -7.97
CA GLY A 217 -6.87 -11.68 -6.54
C GLY A 217 -7.06 -10.30 -5.96
N VAL A 218 -7.15 -10.24 -4.63
CA VAL A 218 -7.33 -9.01 -3.88
C VAL A 218 -6.16 -8.89 -2.90
N VAL A 219 -5.61 -7.69 -2.84
CA VAL A 219 -4.68 -7.28 -1.81
C VAL A 219 -5.41 -6.35 -0.86
N THR A 220 -5.26 -6.61 0.43
CA THR A 220 -5.81 -5.81 1.49
C THR A 220 -4.64 -5.17 2.22
N CYS A 221 -4.81 -3.90 2.59
CA CYS A 221 -3.78 -3.15 3.28
C CYS A 221 -4.32 -2.45 4.53
N VAL A 222 -3.57 -2.56 5.60
CA VAL A 222 -3.79 -1.84 6.84
C VAL A 222 -2.65 -0.82 7.14
N VAL A 223 -3.04 0.30 7.70
CA VAL A 223 -2.15 1.33 8.17
C VAL A 223 -2.52 1.57 9.66
N ARG A 224 -1.54 1.44 10.55
CA ARG A 224 -1.72 1.76 11.98
C ARG A 224 -0.91 2.98 12.41
N ASN A 225 -1.36 3.61 13.50
CA ASN A 225 -0.70 4.70 14.22
C ASN A 225 -0.63 5.96 13.41
N LEU A 226 -1.64 6.16 12.58
CA LEU A 226 -1.67 7.29 11.68
C LEU A 226 -2.16 8.44 12.51
N PRO A 227 -1.55 9.60 12.40
CA PRO A 227 -2.10 10.75 13.13
C PRO A 227 -3.44 11.15 12.53
N THR A 228 -4.17 11.88 13.37
CA THR A 228 -5.46 12.45 13.06
C THR A 228 -5.34 13.65 12.16
N GLY A 229 -6.37 13.94 11.38
CA GLY A 229 -6.38 15.13 10.54
C GLY A 229 -5.80 14.97 9.15
N LEU A 230 -5.41 13.78 8.70
CA LEU A 230 -4.81 13.69 7.37
C LEU A 230 -5.90 13.58 6.28
N GLY A 231 -5.68 14.25 5.14
CA GLY A 231 -6.66 14.32 4.07
C GLY A 231 -7.17 15.75 3.89
N GLU A 232 -7.65 16.06 2.71
CA GLU A 232 -7.92 17.44 2.30
C GLU A 232 -9.24 17.57 1.53
N PRO A 233 -10.35 17.53 2.25
CA PRO A 233 -11.69 17.72 1.66
C PRO A 233 -11.79 19.07 0.90
N CYS A 234 -12.71 19.20 -0.05
CA CYS A 234 -13.72 18.21 -0.36
C CYS A 234 -13.31 17.23 -1.47
N PHE A 235 -12.30 17.56 -2.27
CA PHE A 235 -11.95 16.69 -3.38
C PHE A 235 -10.73 15.77 -3.17
N ASP A 236 -9.80 16.18 -2.31
CA ASP A 236 -8.64 15.38 -1.98
C ASP A 236 -8.73 14.77 -0.59
N LYS A 237 -9.92 14.30 -0.24
CA LYS A 237 -10.15 13.46 0.94
C LYS A 237 -9.17 12.32 0.91
N LEU A 238 -8.77 11.84 2.07
CA LEU A 238 -7.69 10.84 2.12
C LEU A 238 -8.05 9.58 1.31
N GLU A 239 -9.31 9.12 1.38
CA GLU A 239 -9.73 7.93 0.67
C GLU A 239 -9.69 8.14 -0.85
N ALA A 240 -9.86 9.39 -1.28
CA ALA A 240 -9.79 9.73 -2.69
C ALA A 240 -8.36 9.74 -3.15
N MET A 241 -7.44 10.24 -2.32
CA MET A 241 -6.01 10.21 -2.64
C MET A 241 -5.57 8.74 -2.68
N LEU A 242 -6.04 7.91 -1.74
CA LEU A 242 -5.67 6.50 -1.76
C LEU A 242 -6.21 5.78 -3.01
N ALA A 243 -7.42 6.16 -3.46
CA ALA A 243 -8.06 5.44 -4.54
C ALA A 243 -7.36 5.76 -5.85
N HIS A 244 -7.03 7.02 -5.99
CA HIS A 244 -6.29 7.49 -7.11
C HIS A 244 -5.00 6.72 -7.24
N ALA A 245 -4.29 6.60 -6.11
CA ALA A 245 -3.03 5.84 -6.01
C ALA A 245 -3.19 4.36 -6.42
N MET A 246 -4.24 3.72 -5.91
CA MET A 246 -4.37 2.29 -6.14
C MET A 246 -4.84 1.93 -7.55
N LEU A 247 -5.69 2.78 -8.12
CA LEU A 247 -6.18 2.56 -9.48
C LEU A 247 -5.10 2.81 -10.50
N SER A 248 -4.05 3.52 -10.15
CA SER A 248 -2.93 3.67 -11.06
C SER A 248 -2.02 2.46 -11.16
N ILE A 249 -2.11 1.51 -10.23
CA ILE A 249 -1.21 0.34 -10.25
C ILE A 249 -1.65 -0.52 -11.43
N PRO A 250 -0.73 -1.02 -12.27
CA PRO A 250 -1.12 -1.92 -13.36
C PRO A 250 -1.94 -3.12 -12.84
N ALA A 251 -2.96 -3.48 -13.60
CA ALA A 251 -3.88 -4.57 -13.31
C ALA A 251 -4.86 -4.34 -12.18
N SER A 252 -4.81 -3.18 -11.51
CA SER A 252 -5.83 -2.79 -10.52
CA SER A 252 -5.83 -2.82 -10.52
C SER A 252 -7.18 -2.50 -11.19
N LYS A 253 -8.26 -3.01 -10.61
CA LYS A 253 -9.59 -2.77 -11.13
C LYS A 253 -10.48 -2.15 -10.08
N GLY A 254 -9.93 -1.74 -8.94
CA GLY A 254 -10.76 -1.14 -7.94
C GLY A 254 -10.10 -0.76 -6.64
N PHE A 255 -10.91 -0.27 -5.71
CA PHE A 255 -10.49 0.21 -4.44
C PHE A 255 -11.74 0.27 -3.52
N GLU A 256 -11.62 -0.21 -2.29
CA GLU A 256 -12.66 -0.01 -1.32
C GLU A 256 -12.05 0.15 0.04
N ILE A 257 -12.68 0.98 0.85
CA ILE A 257 -12.16 1.30 2.17
C ILE A 257 -13.20 0.96 3.22
N GLY A 258 -12.72 0.45 4.34
CA GLY A 258 -13.58 0.08 5.45
C GLY A 258 -14.59 -0.97 5.06
N SER A 259 -15.84 -0.71 5.42
CA SER A 259 -16.94 -1.65 5.19
C SER A 259 -17.15 -1.89 3.70
N GLY A 260 -16.79 -0.93 2.86
CA GLY A 260 -16.72 -1.19 1.42
C GLY A 260 -18.04 -1.67 0.78
N PHE A 261 -17.88 -2.57 -0.21
CA PHE A 261 -18.94 -3.17 -0.97
C PHE A 261 -19.75 -4.14 -0.11
N GLN A 262 -19.06 -4.84 0.78
CA GLN A 262 -19.74 -5.81 1.59
C GLN A 262 -20.63 -5.15 2.62
N GLY A 263 -20.24 -4.04 3.16
CA GLY A 263 -21.09 -3.41 4.17
C GLY A 263 -22.38 -2.74 3.69
N VAL A 264 -22.57 -2.67 2.38
CA VAL A 264 -23.81 -2.23 1.75
C VAL A 264 -25.03 -3.08 2.20
N SER A 265 -24.77 -4.35 2.48
CA SER A 265 -25.73 -5.29 3.00
C SER A 265 -26.06 -5.13 4.50
N VAL A 266 -25.36 -4.25 5.23
CA VAL A 266 -25.55 -4.13 6.69
C VAL A 266 -26.19 -2.78 7.03
N PRO A 267 -27.27 -2.77 7.82
CA PRO A 267 -27.94 -1.52 8.20
C PRO A 267 -27.02 -0.51 8.89
N GLY A 268 -27.38 0.76 8.78
CA GLY A 268 -26.61 1.83 9.40
C GLY A 268 -26.47 1.68 10.90
N SER A 269 -27.53 1.22 11.56
CA SER A 269 -27.47 1.03 13.01
C SER A 269 -26.25 0.18 13.44
N LYS A 270 -26.02 -0.94 12.75
CA LYS A 270 -24.87 -1.81 13.05
C LYS A 270 -23.50 -1.17 12.71
N HIS A 271 -23.44 -0.33 11.70
CA HIS A 271 -22.21 0.41 11.42
C HIS A 271 -21.88 1.34 12.57
N ASN A 272 -22.90 1.99 13.15
CA ASN A 272 -22.66 3.11 14.06
C ASN A 272 -22.86 2.86 15.54
N ASP A 273 -23.56 1.81 15.93
CA ASP A 273 -23.91 1.64 17.34
C ASP A 273 -22.62 1.36 18.13
N PRO A 274 -22.53 1.86 19.36
CA PRO A 274 -21.35 1.60 20.21
C PRO A 274 -21.10 0.13 20.59
N PHE A 275 -22.11 -0.75 20.47
CA PHE A 275 -21.97 -2.19 20.74
C PHE A 275 -22.75 -3.00 19.68
N TYR A 276 -22.29 -4.22 19.37
CA TYR A 276 -22.90 -5.04 18.30
C TYR A 276 -23.00 -6.51 18.68
N ARG A 285 -19.12 -6.07 23.87
CA ARG A 285 -18.73 -6.18 22.44
C ARG A 285 -18.63 -4.80 21.74
N THR A 286 -17.52 -4.10 21.93
CA THR A 286 -17.35 -2.73 21.42
C THR A 286 -17.42 -2.62 19.86
N LYS A 287 -17.93 -1.48 19.38
CA LYS A 287 -18.02 -1.19 17.93
C LYS A 287 -16.68 -1.47 17.23
N THR A 288 -16.74 -2.10 16.05
CA THR A 288 -15.56 -2.25 15.17
C THR A 288 -15.27 -0.98 14.34
N ASN A 289 -14.08 -0.97 13.76
CA ASN A 289 -13.68 -0.01 12.74
C ASN A 289 -14.33 -0.37 11.38
N ASN A 290 -15.50 0.21 11.16
CA ASN A 290 -16.24 0.08 9.92
C ASN A 290 -15.97 1.18 8.89
N SER A 291 -15.46 2.32 9.34
CA SER A 291 -15.18 3.44 8.44
C SER A 291 -13.90 3.21 7.61
N GLY A 292 -13.02 2.32 8.11
CA GLY A 292 -11.67 2.18 7.58
C GLY A 292 -10.77 3.37 7.89
N GLY A 293 -11.02 4.07 9.00
CA GLY A 293 -10.15 5.10 9.53
C GLY A 293 -10.29 6.55 9.04
N VAL A 294 -11.40 6.84 8.35
CA VAL A 294 -11.67 8.16 7.80
C VAL A 294 -13.06 8.59 8.22
N GLN A 295 -13.21 9.86 8.59
CA GLN A 295 -14.51 10.50 8.78
C GLN A 295 -14.44 11.86 8.11
N GLY A 296 -15.47 12.21 7.35
CA GLY A 296 -15.47 13.41 6.56
C GLY A 296 -14.25 13.56 5.67
N GLY A 297 -13.67 12.46 5.23
CA GLY A 297 -12.52 12.54 4.36
C GLY A 297 -11.21 12.79 5.05
N ILE A 298 -11.16 12.76 6.37
CA ILE A 298 -9.87 12.87 7.04
C ILE A 298 -9.63 11.72 8.02
N SER A 299 -8.36 11.40 8.27
CA SER A 299 -8.05 10.29 9.20
C SER A 299 -8.58 10.59 10.61
N ASN A 300 -9.16 9.61 11.27
CA ASN A 300 -9.65 9.74 12.65
C ASN A 300 -8.75 9.04 13.65
N GLY A 301 -7.56 8.61 13.27
CA GLY A 301 -6.67 7.89 14.18
C GLY A 301 -6.96 6.40 14.37
N GLU A 302 -8.11 5.91 13.89
CA GLU A 302 -8.32 4.48 13.80
CA GLU A 302 -8.32 4.48 13.81
C GLU A 302 -7.48 3.89 12.65
N ASN A 303 -7.39 2.57 12.60
CA ASN A 303 -6.69 1.91 11.53
C ASN A 303 -7.35 2.26 10.19
N ILE A 304 -6.53 2.58 9.19
CA ILE A 304 -6.97 2.59 7.79
C ILE A 304 -6.88 1.16 7.23
N TYR A 305 -7.91 0.68 6.56
CA TYR A 305 -7.76 -0.53 5.80
C TYR A 305 -8.58 -0.47 4.53
N PHE A 306 -8.02 -1.03 3.47
CA PHE A 306 -8.66 -1.04 2.17
C PHE A 306 -8.24 -2.22 1.34
N SER A 307 -8.99 -2.51 0.29
CA SER A 307 -8.70 -3.64 -0.57
C SER A 307 -8.74 -3.23 -2.02
N VAL A 308 -7.92 -3.92 -2.80
CA VAL A 308 -7.76 -3.66 -4.22
C VAL A 308 -7.82 -4.99 -5.00
N PRO A 309 -8.70 -5.11 -6.01
CA PRO A 309 -8.73 -6.29 -6.89
C PRO A 309 -7.76 -6.10 -8.06
N PHE A 310 -7.13 -7.19 -8.47
CA PHE A 310 -6.22 -7.26 -9.60
C PHE A 310 -6.69 -8.28 -10.60
N LYS A 311 -6.52 -7.92 -11.85
CA LYS A 311 -6.71 -8.82 -12.99
C LYS A 311 -5.41 -9.55 -13.24
N SER A 312 -5.54 -10.73 -13.77
CA SER A 312 -4.39 -11.57 -14.19
C SER A 312 -3.76 -11.26 -15.54
N VAL A 313 -4.55 -10.78 -16.50
CA VAL A 313 -4.01 -10.54 -17.87
C VAL A 313 -4.07 -9.06 -18.31
N ARG A 337 -0.69 -11.22 -21.73
CA ARG A 337 0.22 -12.21 -21.15
C ARG A 337 -0.28 -12.63 -19.76
N HIS A 338 -0.20 -13.93 -19.46
CA HIS A 338 -0.69 -14.50 -18.19
C HIS A 338 0.35 -14.32 -17.07
N ASP A 339 -0.11 -14.50 -15.82
CA ASP A 339 0.74 -14.39 -14.61
C ASP A 339 1.11 -15.75 -13.89
N PRO A 340 0.33 -16.37 -12.98
CA PRO A 340 -0.75 -15.80 -12.16
C PRO A 340 -0.31 -15.39 -10.74
N ALA A 341 0.90 -14.86 -10.59
CA ALA A 341 1.33 -14.37 -9.30
C ALA A 341 1.18 -12.84 -9.22
N VAL A 342 0.33 -12.26 -10.06
CA VAL A 342 0.11 -10.82 -10.03
C VAL A 342 -0.22 -10.37 -8.59
N THR A 343 -1.09 -11.08 -7.90
CA THR A 343 -1.59 -10.59 -6.64
C THR A 343 -0.51 -10.50 -5.54
N PRO A 344 0.12 -11.61 -5.14
CA PRO A 344 1.20 -11.51 -4.13
C PRO A 344 2.33 -10.56 -4.52
N ARG A 345 2.68 -10.46 -5.81
CA ARG A 345 3.73 -9.53 -6.26
C ARG A 345 3.36 -8.06 -6.12
N ALA A 346 2.07 -7.79 -6.02
CA ALA A 346 1.57 -6.43 -5.97
C ALA A 346 1.64 -5.87 -4.56
N ILE A 347 1.93 -6.70 -3.58
CA ILE A 347 1.98 -6.18 -2.19
C ILE A 347 2.89 -4.98 -1.93
N PRO A 348 4.13 -5.03 -2.41
CA PRO A 348 5.04 -3.90 -2.22
C PRO A 348 4.62 -2.62 -2.98
N ILE A 349 3.94 -2.76 -4.11
CA ILE A 349 3.49 -1.60 -4.86
C ILE A 349 2.38 -0.92 -4.09
N VAL A 350 1.44 -1.73 -3.60
CA VAL A 350 0.36 -1.24 -2.75
C VAL A 350 0.88 -0.52 -1.52
N GLU A 351 1.84 -1.15 -0.83
CA GLU A 351 2.53 -0.53 0.32
C GLU A 351 3.23 0.78 -0.06
N ALA A 352 3.94 0.76 -1.18
CA ALA A 352 4.64 1.93 -1.64
C ALA A 352 3.69 3.08 -1.94
N MET A 353 2.60 2.79 -2.66
CA MET A 353 1.63 3.81 -3.05
C MET A 353 0.96 4.37 -1.80
N THR A 354 0.72 3.51 -0.83
CA THR A 354 0.11 3.92 0.42
C THR A 354 1.04 4.92 1.12
N ALA A 355 2.33 4.58 1.19
CA ALA A 355 3.34 5.42 1.86
C ALA A 355 3.48 6.77 1.18
N LEU A 356 3.50 6.79 -0.14
CA LEU A 356 3.56 8.05 -0.88
C LEU A 356 2.38 8.93 -0.55
N VAL A 357 1.19 8.33 -0.54
CA VAL A 357 -0.02 9.10 -0.22
C VAL A 357 0.03 9.65 1.20
N LEU A 358 0.40 8.81 2.14
CA LEU A 358 0.39 9.24 3.56
C LEU A 358 1.50 10.23 3.90
N ALA A 359 2.66 10.12 3.25
CA ALA A 359 3.75 11.08 3.42
C ALA A 359 3.34 12.49 2.88
N ASP A 360 2.77 12.53 1.67
CA ASP A 360 2.18 13.76 1.15
C ASP A 360 1.13 14.39 2.14
N ALA A 361 0.16 13.57 2.54
CA ALA A 361 -0.92 14.03 3.41
C ALA A 361 -0.39 14.55 4.71
N LEU A 362 0.66 13.93 5.22
CA LEU A 362 1.22 14.33 6.51
C LEU A 362 1.89 15.69 6.36
N LEU A 363 2.63 15.90 5.28
CA LEU A 363 3.21 17.20 5.01
C LEU A 363 2.15 18.27 4.89
N ILE A 364 1.08 18.00 4.13
CA ILE A 364 0.05 19.00 3.88
C ILE A 364 -0.66 19.33 5.20
N GLN A 365 -0.87 18.31 6.00
CA GLN A 365 -1.49 18.53 7.32
C GLN A 365 -0.59 19.35 8.27
N LYS A 366 0.71 19.13 8.22
CA LYS A 366 1.58 19.97 9.04
C LYS A 366 1.62 21.42 8.57
N ALA A 367 1.48 21.65 7.26
CA ALA A 367 1.33 23.01 6.73
C ALA A 367 0.26 23.82 7.48
N ARG A 368 -0.87 23.22 7.80
CA ARG A 368 -1.95 24.02 8.36
C ARG A 368 -2.22 23.80 9.85
N ASP A 369 -1.40 22.97 10.49
CA ASP A 369 -1.41 22.71 11.91
C ASP A 369 -0.71 23.89 12.54
N PHE A 370 0.51 24.12 12.08
CA PHE A 370 1.14 25.44 12.22
C PHE A 370 0.14 26.63 12.17
N SER A 371 -0.44 26.85 10.98
CA SER A 371 -1.24 28.03 10.69
C SER A 371 -2.37 28.24 11.74
#